data_9BLH
#
_entry.id   9BLH
#
_cell.length_a   46.322
_cell.length_b   82.817
_cell.length_c   172.914
_cell.angle_alpha   90.000
_cell.angle_beta   90.000
_cell.angle_gamma   90.000
#
_symmetry.space_group_name_H-M   'P 21 21 21'
#
loop_
_entity.id
_entity.type
_entity.pdbx_description
1 polymer 'Calcium/calmodulin-dependent protein kinase type II subunit delta'
2 non-polymer 7-cyclopentyl-N,N-dimethyl-2-{[5-(piperazin-1-yl)pyridin-2-yl]amino}-7H-pyrrolo[2,3-d]pyrimidine-6-carboxamide
3 water water
#
_entity_poly.entity_id   1
_entity_poly.type   'polypeptide(L)'
_entity_poly.pdbx_seq_one_letter_code
;FTDEYQLFEELGKGAFSVVRRCMKIPTGQEYAAKIINTKKLSARDHQKLEREARICRLLKHPNIVRLHDSISEEGFHYLV
FDLVTGGELFEDIVAREYYSEADASHCIQQILESVNHCHLNGIVHRDLKPENLLLASKSKGAAVKLADFGLAIEVQGDQQ
AWFGFAGTPGYLSPEVLRKDPYGKPVDMWACGVILYILLVGYPPFWDEDQHRLYQQIKAGAYDFPSPEWDTVTPEAKDLI
NKMLTINPAKRITASEALKHPWICQRSTVASMMHRQETVDCLKKFNARRKLKGAILTTML
;
_entity_poly.pdbx_strand_id   A,B
#
# COMPACT_ATOMS: atom_id res chain seq x y z
N THR A 2 -7.39 -35.60 35.89
CA THR A 2 -8.76 -35.53 35.41
C THR A 2 -9.75 -35.53 36.56
N ASP A 3 -9.64 -36.51 37.46
CA ASP A 3 -10.40 -36.49 38.70
C ASP A 3 -10.13 -35.23 39.51
N GLU A 4 -9.07 -34.49 39.17
CA GLU A 4 -8.76 -33.22 39.81
C GLU A 4 -9.66 -32.08 39.32
N TYR A 5 -10.34 -32.28 38.20
CA TYR A 5 -11.16 -31.25 37.59
C TYR A 5 -12.64 -31.59 37.75
N GLN A 6 -13.45 -30.54 37.93
CA GLN A 6 -14.90 -30.66 37.89
C GLN A 6 -15.39 -30.10 36.56
N LEU A 7 -16.30 -30.81 35.91
CA LEU A 7 -16.79 -30.45 34.59
C LEU A 7 -18.14 -29.75 34.70
N PHE A 8 -18.35 -28.75 33.84
CA PHE A 8 -19.60 -27.99 33.83
C PHE A 8 -20.17 -27.92 32.42
N GLU A 9 -20.62 -26.74 32.00
CA GLU A 9 -21.40 -26.63 30.79
C GLU A 9 -20.54 -26.82 29.55
N GLU A 10 -21.21 -26.99 28.42
CA GLU A 10 -20.55 -27.17 27.14
C GLU A 10 -20.15 -25.82 26.56
N LEU A 11 -18.89 -25.72 26.12
CA LEU A 11 -18.41 -24.53 25.43
C LEU A 11 -18.22 -24.74 23.93
N GLY A 12 -18.40 -25.96 23.46
CA GLY A 12 -18.21 -26.26 22.05
C GLY A 12 -18.42 -27.73 21.81
N LYS A 13 -18.40 -28.11 20.53
CA LYS A 13 -18.69 -29.48 20.14
C LYS A 13 -17.89 -29.80 18.88
N GLY A 14 -17.45 -31.05 18.79
CA GLY A 14 -16.66 -31.50 17.65
C GLY A 14 -17.07 -32.89 17.21
N ALA A 15 -16.39 -33.37 16.17
CA ALA A 15 -16.68 -34.70 15.65
C ALA A 15 -16.48 -35.76 16.72
N PHE A 16 -15.28 -35.80 17.32
CA PHE A 16 -14.94 -36.77 18.34
C PHE A 16 -14.52 -36.11 19.66
N SER A 17 -14.92 -34.86 19.88
CA SER A 17 -14.45 -34.10 21.03
C SER A 17 -15.56 -33.20 21.55
N VAL A 18 -15.33 -32.66 22.75
CA VAL A 18 -16.22 -31.68 23.35
C VAL A 18 -15.38 -30.74 24.20
N VAL A 19 -15.82 -29.49 24.32
CA VAL A 19 -15.15 -28.47 25.12
C VAL A 19 -16.08 -28.08 26.25
N ARG A 20 -15.61 -28.21 27.48
CA ARG A 20 -16.40 -27.92 28.67
C ARG A 20 -15.62 -26.99 29.58
N ARG A 21 -16.35 -26.06 30.20
CA ARG A 21 -15.77 -25.30 31.31
C ARG A 21 -15.48 -26.25 32.45
N CYS A 22 -14.29 -26.13 33.03
CA CYS A 22 -13.93 -26.94 34.18
C CYS A 22 -13.20 -26.08 35.19
N MET A 23 -12.99 -26.64 36.36
CA MET A 23 -12.33 -25.96 37.47
C MET A 23 -11.41 -26.93 38.18
N LYS A 24 -10.21 -26.46 38.49
CA LYS A 24 -9.29 -27.24 39.31
C LYS A 24 -9.82 -27.28 40.73
N ILE A 25 -10.26 -28.46 41.17
CA ILE A 25 -11.01 -28.60 42.41
C ILE A 25 -10.22 -28.03 43.59
N PRO A 26 -8.99 -28.47 43.86
CA PRO A 26 -8.33 -28.03 45.10
C PRO A 26 -7.93 -26.56 45.11
N THR A 27 -7.82 -25.90 43.96
CA THR A 27 -7.42 -24.51 43.92
C THR A 27 -8.45 -23.57 43.29
N GLY A 28 -9.46 -24.10 42.60
CA GLY A 28 -10.53 -23.26 42.09
C GLY A 28 -10.17 -22.46 40.86
N GLN A 29 -9.10 -22.81 40.15
CA GLN A 29 -8.74 -22.13 38.93
C GLN A 29 -9.58 -22.68 37.77
N GLU A 30 -10.12 -21.77 36.96
CA GLU A 30 -11.05 -22.15 35.91
C GLU A 30 -10.30 -22.33 34.59
N TYR A 31 -10.78 -23.28 33.80
CA TYR A 31 -10.13 -23.65 32.54
C TYR A 31 -11.18 -23.98 31.50
N ALA A 32 -10.72 -24.18 30.27
CA ALA A 32 -11.55 -24.68 29.17
C ALA A 32 -10.91 -25.96 28.68
N ALA A 33 -11.55 -27.10 28.93
CA ALA A 33 -10.99 -28.41 28.63
C ALA A 33 -11.63 -28.99 27.39
N LYS A 34 -10.81 -29.34 26.40
CA LYS A 34 -11.25 -30.11 25.25
C LYS A 34 -11.14 -31.59 25.60
N ILE A 35 -12.27 -32.29 25.60
CA ILE A 35 -12.33 -33.68 26.02
C ILE A 35 -12.48 -34.54 24.77
N ILE A 36 -11.45 -35.31 24.45
CA ILE A 36 -11.43 -36.16 23.27
C ILE A 36 -11.57 -37.61 23.71
N ASN A 37 -12.58 -38.30 23.18
CA ASN A 37 -12.72 -39.73 23.41
C ASN A 37 -11.67 -40.45 22.57
N THR A 38 -10.60 -40.91 23.21
CA THR A 38 -9.51 -41.56 22.50
C THR A 38 -9.91 -42.92 21.95
N LYS A 39 -10.98 -43.52 22.48
CA LYS A 39 -11.40 -44.84 22.03
C LYS A 39 -11.89 -44.79 20.60
N LYS A 40 -11.62 -45.88 19.86
CA LYS A 40 -12.06 -46.01 18.47
C LYS A 40 -11.65 -44.79 17.65
N LEU A 41 -10.40 -44.37 17.83
CA LEU A 41 -9.86 -43.21 17.16
C LEU A 41 -8.87 -43.63 16.08
N SER A 42 -8.97 -43.00 14.92
CA SER A 42 -8.10 -43.34 13.80
C SER A 42 -6.65 -43.03 14.14
N ALA A 43 -5.74 -43.62 13.36
CA ALA A 43 -4.34 -43.22 13.44
C ALA A 43 -4.16 -41.81 12.92
N ARG A 44 -4.84 -41.47 11.82
CA ARG A 44 -4.85 -40.09 11.35
C ARG A 44 -5.31 -39.14 12.46
N ASP A 45 -6.48 -39.42 13.04
CA ASP A 45 -6.99 -38.57 14.10
C ASP A 45 -6.11 -38.60 15.34
N HIS A 46 -5.36 -39.69 15.55
CA HIS A 46 -4.51 -39.76 16.72
C HIS A 46 -3.27 -38.88 16.57
N GLN A 47 -2.77 -38.72 15.34
CA GLN A 47 -1.64 -37.83 15.13
C GLN A 47 -2.07 -36.37 15.18
N LYS A 48 -3.27 -36.06 14.66
CA LYS A 48 -3.79 -34.69 14.74
C LYS A 48 -3.90 -34.23 16.19
N LEU A 49 -4.28 -35.15 17.10
CA LEU A 49 -4.47 -34.77 18.49
C LEU A 49 -3.15 -34.42 19.15
N GLU A 50 -2.10 -35.24 18.93
CA GLU A 50 -0.81 -34.93 19.51
C GLU A 50 -0.13 -33.77 18.79
N ARG A 51 -0.52 -33.50 17.55
CA ARG A 51 -0.02 -32.30 16.87
C ARG A 51 -0.62 -31.04 17.48
N GLU A 52 -1.91 -31.06 17.82
CA GLU A 52 -2.51 -29.91 18.47
C GLU A 52 -1.89 -29.68 19.84
N ALA A 53 -1.69 -30.75 20.62
CA ALA A 53 -1.06 -30.61 21.93
C ALA A 53 0.35 -30.04 21.80
N ARG A 54 1.10 -30.51 20.81
CA ARG A 54 2.46 -30.03 20.61
C ARG A 54 2.47 -28.57 20.16
N ILE A 55 1.52 -28.19 19.31
CA ILE A 55 1.46 -26.81 18.82
C ILE A 55 1.10 -25.85 19.95
N CYS A 56 0.05 -26.19 20.71
CA CYS A 56 -0.38 -25.32 21.79
C CYS A 56 0.69 -25.20 22.87
N ARG A 57 1.41 -26.29 23.13
CA ARG A 57 2.47 -26.26 24.14
C ARG A 57 3.58 -25.30 23.75
N LEU A 58 3.82 -25.13 22.45
CA LEU A 58 4.90 -24.29 21.97
C LEU A 58 4.55 -22.80 22.03
N LEU A 59 3.27 -22.45 21.97
CA LEU A 59 2.84 -21.07 21.84
C LEU A 59 2.58 -20.46 23.22
N LYS A 60 3.46 -19.58 23.66
CA LYS A 60 3.25 -18.75 24.85
C LYS A 60 3.32 -17.29 24.42
N HIS A 61 2.16 -16.64 24.39
CA HIS A 61 2.07 -15.27 23.90
C HIS A 61 0.86 -14.64 24.57
N PRO A 62 0.93 -13.35 24.94
CA PRO A 62 -0.24 -12.73 25.62
C PRO A 62 -1.49 -12.68 24.77
N ASN A 63 -1.37 -12.86 23.44
CA ASN A 63 -2.53 -12.83 22.55
C ASN A 63 -2.87 -14.21 22.00
N ILE A 64 -2.37 -15.27 22.64
CA ILE A 64 -2.74 -16.64 22.30
C ILE A 64 -3.18 -17.34 23.57
N VAL A 65 -4.18 -18.22 23.45
CA VAL A 65 -4.62 -18.98 24.61
C VAL A 65 -3.46 -19.80 25.15
N ARG A 66 -3.46 -20.04 26.46
CA ARG A 66 -2.40 -20.76 27.13
C ARG A 66 -2.83 -22.19 27.39
N LEU A 67 -2.01 -23.14 26.95
CA LEU A 67 -2.21 -24.54 27.32
C LEU A 67 -1.72 -24.74 28.75
N HIS A 68 -2.60 -25.26 29.60
CA HIS A 68 -2.24 -25.53 30.99
C HIS A 68 -1.79 -26.97 31.21
N ASP A 69 -2.44 -27.95 30.58
CA ASP A 69 -2.11 -29.34 30.83
C ASP A 69 -2.61 -30.20 29.69
N SER A 70 -1.89 -31.29 29.44
CA SER A 70 -2.30 -32.35 28.51
C SER A 70 -2.36 -33.64 29.29
N ILE A 71 -3.48 -34.35 29.19
CA ILE A 71 -3.77 -35.48 30.05
C ILE A 71 -4.27 -36.66 29.21
N SER A 72 -3.70 -37.84 29.45
CA SER A 72 -4.10 -39.07 28.78
C SER A 72 -4.68 -40.03 29.80
N GLU A 73 -5.97 -40.33 29.67
CA GLU A 73 -6.66 -41.27 30.55
C GLU A 73 -7.19 -42.44 29.73
N GLU A 74 -7.88 -43.34 30.43
CA GLU A 74 -8.45 -44.53 29.79
C GLU A 74 -9.67 -44.12 28.97
N GLY A 75 -9.48 -43.97 27.67
CA GLY A 75 -10.55 -43.65 26.76
C GLY A 75 -10.82 -42.18 26.58
N PHE A 76 -10.09 -41.30 27.25
CA PHE A 76 -10.27 -39.87 27.12
C PHE A 76 -8.94 -39.16 27.18
N HIS A 77 -8.87 -38.00 26.53
CA HIS A 77 -7.72 -37.12 26.59
C HIS A 77 -8.22 -35.70 26.77
N TYR A 78 -7.60 -34.97 27.69
CA TYR A 78 -7.98 -33.60 28.00
C TYR A 78 -6.92 -32.64 27.51
N LEU A 79 -7.35 -31.58 26.83
CA LEU A 79 -6.51 -30.42 26.52
C LEU A 79 -7.04 -29.27 27.36
N VAL A 80 -6.30 -28.88 28.39
CA VAL A 80 -6.76 -27.93 29.38
C VAL A 80 -6.10 -26.58 29.12
N PHE A 81 -6.91 -25.56 28.86
CA PHE A 81 -6.43 -24.21 28.59
C PHE A 81 -6.94 -23.25 29.66
N ASP A 82 -6.12 -22.25 29.99
CA ASP A 82 -6.58 -21.15 30.82
C ASP A 82 -7.87 -20.59 30.24
N LEU A 83 -8.88 -20.44 31.09
CA LEU A 83 -10.18 -19.97 30.64
C LEU A 83 -10.16 -18.46 30.42
N VAL A 84 -10.69 -18.04 29.27
CA VAL A 84 -10.90 -16.63 28.98
C VAL A 84 -12.40 -16.36 29.07
N THR A 85 -12.76 -15.26 29.72
CA THR A 85 -14.15 -15.01 30.11
C THR A 85 -14.77 -13.80 29.40
N GLY A 86 -14.04 -13.12 28.54
CA GLY A 86 -14.56 -11.94 27.87
C GLY A 86 -15.45 -12.21 26.67
N GLY A 87 -15.62 -13.47 26.28
CA GLY A 87 -16.45 -13.78 25.14
C GLY A 87 -15.76 -13.49 23.83
N GLU A 88 -16.57 -13.49 22.77
CA GLU A 88 -16.05 -13.23 21.43
C GLU A 88 -15.80 -11.74 21.24
N LEU A 89 -14.68 -11.43 20.59
CA LEU A 89 -14.38 -10.04 20.25
C LEU A 89 -15.56 -9.40 19.51
N PHE A 90 -16.13 -10.12 18.54
CA PHE A 90 -17.17 -9.53 17.70
C PHE A 90 -18.44 -9.28 18.50
N GLU A 91 -18.73 -10.09 19.51
CA GLU A 91 -19.90 -9.83 20.34
C GLU A 91 -19.66 -8.68 21.32
N ASP A 92 -18.40 -8.43 21.67
CA ASP A 92 -18.10 -7.30 22.55
C ASP A 92 -18.22 -5.97 21.80
N ILE A 93 -17.80 -5.95 20.54
CA ILE A 93 -17.84 -4.71 19.76
C ILE A 93 -19.28 -4.21 19.64
N VAL A 94 -20.22 -5.10 19.34
CA VAL A 94 -21.61 -4.69 19.15
C VAL A 94 -22.24 -4.19 20.43
N ALA A 95 -21.58 -4.40 21.57
CA ALA A 95 -22.05 -3.89 22.86
C ALA A 95 -21.44 -2.54 23.22
N ARG A 96 -20.68 -1.92 22.32
CA ARG A 96 -19.97 -0.69 22.62
C ARG A 96 -20.75 0.53 22.15
N GLU A 97 -20.55 1.65 22.86
CA GLU A 97 -21.14 2.92 22.47
C GLU A 97 -20.24 3.72 21.55
N TYR A 98 -18.93 3.49 21.59
CA TYR A 98 -17.99 4.12 20.68
C TYR A 98 -17.15 3.03 20.00
N TYR A 99 -17.07 3.08 18.67
CA TYR A 99 -16.29 2.12 17.91
C TYR A 99 -15.83 2.77 16.62
N SER A 100 -14.52 2.85 16.42
CA SER A 100 -13.93 3.57 15.28
C SER A 100 -12.83 2.73 14.66
N GLU A 101 -12.23 3.27 13.59
CA GLU A 101 -11.07 2.63 12.98
C GLU A 101 -9.96 2.38 13.99
N ALA A 102 -9.74 3.33 14.90
CA ALA A 102 -8.68 3.15 15.89
C ALA A 102 -8.88 1.89 16.70
N ASP A 103 -10.13 1.63 17.12
CA ASP A 103 -10.43 0.39 17.84
C ASP A 103 -10.18 -0.82 16.95
N ALA A 104 -10.64 -0.76 15.71
CA ALA A 104 -10.38 -1.87 14.78
C ALA A 104 -8.89 -2.05 14.56
N SER A 105 -8.14 -0.95 14.46
CA SER A 105 -6.69 -1.05 14.32
C SER A 105 -6.08 -1.67 15.57
N HIS A 106 -6.59 -1.30 16.75
CA HIS A 106 -6.11 -1.90 17.99
C HIS A 106 -6.35 -3.40 17.99
N CYS A 107 -7.54 -3.84 17.53
CA CYS A 107 -7.85 -5.26 17.52
C CYS A 107 -6.99 -6.01 16.51
N ILE A 108 -6.88 -5.47 15.29
CA ILE A 108 -6.10 -6.16 14.26
C ILE A 108 -4.63 -6.22 14.65
N GLN A 109 -4.13 -5.17 15.29
CA GLN A 109 -2.75 -5.21 15.78
C GLN A 109 -2.53 -6.39 16.71
N GLN A 110 -3.48 -6.65 17.62
CA GLN A 110 -3.33 -7.78 18.54
C GLN A 110 -3.42 -9.10 17.79
N ILE A 111 -4.35 -9.20 16.85
CA ILE A 111 -4.45 -10.40 16.02
C ILE A 111 -3.16 -10.61 15.23
N LEU A 112 -2.59 -9.52 14.71
CA LEU A 112 -1.36 -9.64 13.93
C LEU A 112 -0.17 -10.07 14.79
N GLU A 113 -0.14 -9.67 16.07
CA GLU A 113 0.93 -10.13 16.94
C GLU A 113 0.86 -11.63 17.14
N SER A 114 -0.35 -12.17 17.35
CA SER A 114 -0.50 -13.60 17.57
C SER A 114 -0.18 -14.39 16.30
N VAL A 115 -0.62 -13.89 15.14
CA VAL A 115 -0.30 -14.53 13.88
C VAL A 115 1.20 -14.48 13.62
N ASN A 116 1.80 -13.31 13.84
CA ASN A 116 3.24 -13.18 13.63
C ASN A 116 4.02 -14.09 14.58
N HIS A 117 3.53 -14.26 15.81
CA HIS A 117 4.19 -15.17 16.73
C HIS A 117 3.98 -16.62 16.33
N CYS A 118 2.84 -16.95 15.73
CA CYS A 118 2.66 -18.29 15.17
C CYS A 118 3.67 -18.53 14.05
N HIS A 119 3.73 -17.62 13.09
CA HIS A 119 4.56 -17.83 11.90
C HIS A 119 6.05 -17.81 12.24
N LEU A 120 6.44 -17.04 13.25
CA LEU A 120 7.84 -17.07 13.66
C LEU A 120 8.23 -18.39 14.30
N ASN A 121 7.25 -19.18 14.74
CA ASN A 121 7.48 -20.51 15.28
C ASN A 121 7.09 -21.61 14.30
N GLY A 122 6.93 -21.28 13.02
CA GLY A 122 6.58 -22.27 12.03
C GLY A 122 5.21 -22.89 12.20
N ILE A 123 4.20 -22.10 12.55
CA ILE A 123 2.85 -22.60 12.79
C ILE A 123 1.87 -21.76 11.99
N VAL A 124 1.02 -22.44 11.20
CA VAL A 124 -0.02 -21.80 10.41
C VAL A 124 -1.36 -22.23 10.98
N HIS A 125 -2.17 -21.27 11.40
CA HIS A 125 -3.42 -21.56 12.08
C HIS A 125 -4.44 -22.19 11.12
N ARG A 126 -4.59 -21.61 9.93
CA ARG A 126 -5.42 -22.07 8.82
C ARG A 126 -6.92 -21.85 9.02
N ASP A 127 -7.37 -21.35 10.17
CA ASP A 127 -8.79 -21.20 10.40
C ASP A 127 -9.09 -19.94 11.21
N LEU A 128 -8.39 -18.85 10.89
CA LEU A 128 -8.67 -17.58 11.56
C LEU A 128 -10.09 -17.13 11.23
N LYS A 129 -10.88 -16.88 12.27
CA LYS A 129 -12.26 -16.46 12.11
C LYS A 129 -12.77 -15.90 13.43
N PRO A 130 -13.92 -15.22 13.44
CA PRO A 130 -14.35 -14.56 14.69
C PRO A 130 -14.54 -15.50 15.85
N GLU A 131 -15.07 -16.70 15.61
CA GLU A 131 -15.26 -17.66 16.69
C GLU A 131 -13.97 -17.93 17.46
N ASN A 132 -12.82 -17.80 16.81
CA ASN A 132 -11.54 -18.08 17.43
C ASN A 132 -10.82 -16.82 17.91
N LEU A 133 -11.52 -15.69 17.96
CA LEU A 133 -10.97 -14.42 18.44
C LEU A 133 -11.74 -14.01 19.69
N LEU A 134 -11.15 -14.25 20.85
CA LEU A 134 -11.79 -14.01 22.14
C LEU A 134 -11.17 -12.81 22.83
N LEU A 135 -11.79 -12.41 23.94
CA LEU A 135 -11.29 -11.32 24.78
C LEU A 135 -10.98 -11.88 26.17
N ALA A 136 -9.82 -11.48 26.70
CA ALA A 136 -9.29 -12.11 27.91
C ALA A 136 -10.28 -12.02 29.07
N SER A 137 -10.87 -10.84 29.28
CA SER A 137 -11.75 -10.61 30.41
CA SER A 137 -11.75 -10.61 30.41
C SER A 137 -12.83 -9.61 30.03
N LYS A 138 -13.72 -9.35 30.98
CA LYS A 138 -14.69 -8.27 30.88
C LYS A 138 -14.06 -6.93 31.23
N SER A 139 -12.80 -6.94 31.65
CA SER A 139 -12.08 -5.70 31.93
C SER A 139 -12.10 -4.79 30.71
N LYS A 140 -11.97 -3.49 30.95
CA LYS A 140 -12.05 -2.51 29.87
C LYS A 140 -11.06 -2.82 28.76
N GLY A 141 -9.79 -3.03 29.12
CA GLY A 141 -8.76 -3.26 28.12
C GLY A 141 -8.31 -4.71 28.02
N ALA A 142 -9.25 -5.61 27.79
CA ALA A 142 -8.92 -7.02 27.70
C ALA A 142 -8.19 -7.33 26.40
N ALA A 143 -7.20 -8.21 26.48
CA ALA A 143 -6.40 -8.56 25.32
C ALA A 143 -7.14 -9.55 24.43
N VAL A 144 -6.92 -9.43 23.13
CA VAL A 144 -7.50 -10.39 22.19
C VAL A 144 -6.70 -11.69 22.26
N LYS A 145 -7.42 -12.81 22.22
CA LYS A 145 -6.81 -14.13 22.40
C LYS A 145 -7.17 -15.00 21.21
N LEU A 146 -6.16 -15.43 20.46
CA LEU A 146 -6.36 -16.37 19.37
C LEU A 146 -6.51 -17.78 19.93
N ALA A 147 -7.56 -18.49 19.51
CA ALA A 147 -7.91 -19.76 20.11
C ALA A 147 -8.05 -20.85 19.04
N ASP A 148 -8.19 -22.09 19.53
CA ASP A 148 -8.46 -23.28 18.74
C ASP A 148 -7.46 -23.48 17.62
N PHE A 149 -6.39 -24.23 17.92
CA PHE A 149 -5.39 -24.62 16.94
C PHE A 149 -5.63 -26.03 16.41
N GLY A 150 -6.88 -26.50 16.46
CA GLY A 150 -7.17 -27.87 16.06
C GLY A 150 -6.85 -28.16 14.61
N LEU A 151 -6.86 -27.12 13.76
CA LEU A 151 -6.51 -27.28 12.35
C LEU A 151 -5.12 -26.75 12.03
N ALA A 152 -4.39 -26.23 13.01
CA ALA A 152 -3.09 -25.65 12.74
C ALA A 152 -2.12 -26.73 12.25
N ILE A 153 -1.15 -26.29 11.42
CA ILE A 153 -0.14 -27.17 10.86
C ILE A 153 1.23 -26.62 11.18
N GLU A 154 2.23 -27.49 11.09
CA GLU A 154 3.62 -27.12 11.27
C GLU A 154 4.32 -27.07 9.92
N VAL A 155 5.12 -26.02 9.70
CA VAL A 155 5.78 -25.78 8.43
C VAL A 155 7.26 -25.50 8.69
N GLN A 156 8.08 -25.77 7.68
CA GLN A 156 9.51 -25.51 7.75
C GLN A 156 9.80 -24.23 6.97
N GLY A 157 10.24 -23.20 7.68
CA GLY A 157 10.60 -21.96 7.02
C GLY A 157 9.48 -21.45 6.14
N ASP A 158 9.83 -21.15 4.89
CA ASP A 158 8.89 -20.60 3.90
C ASP A 158 8.58 -21.61 2.81
N GLN A 159 8.66 -22.90 3.11
CA GLN A 159 8.43 -23.95 2.12
C GLN A 159 6.94 -24.25 2.05
N GLN A 160 6.35 -23.98 0.90
CA GLN A 160 4.93 -24.24 0.68
C GLN A 160 4.70 -25.72 0.41
N ALA A 161 3.46 -26.15 0.56
CA ALA A 161 3.08 -27.51 0.24
C ALA A 161 1.57 -27.62 0.30
N TRP A 162 1.04 -28.65 -0.35
CA TRP A 162 -0.40 -28.93 -0.27
C TRP A 162 -0.66 -29.62 1.07
N PHE A 163 -1.12 -28.85 2.05
CA PHE A 163 -1.38 -29.39 3.38
C PHE A 163 -2.81 -29.84 3.57
N GLY A 164 -3.67 -29.67 2.57
CA GLY A 164 -5.03 -30.14 2.63
C GLY A 164 -6.04 -29.01 2.54
N PHE A 165 -7.29 -29.41 2.30
CA PHE A 165 -8.40 -28.47 2.18
C PHE A 165 -9.05 -28.32 3.54
N ALA A 166 -8.66 -27.28 4.27
CA ALA A 166 -9.15 -27.03 5.62
C ALA A 166 -9.45 -25.55 5.79
N GLY A 167 -10.43 -25.24 6.62
CA GLY A 167 -10.75 -23.87 6.96
C GLY A 167 -12.23 -23.64 6.94
N THR A 168 -12.61 -22.35 6.87
CA THR A 168 -14.00 -21.94 6.82
C THR A 168 -14.26 -21.23 5.50
N PRO A 169 -15.35 -21.54 4.79
CA PRO A 169 -15.51 -21.03 3.42
C PRO A 169 -15.29 -19.53 3.25
N GLY A 170 -15.88 -18.71 4.11
CA GLY A 170 -15.79 -17.27 3.92
C GLY A 170 -14.38 -16.70 4.06
N TYR A 171 -13.48 -17.44 4.71
CA TYR A 171 -12.14 -16.94 4.99
C TYR A 171 -11.06 -17.70 4.22
N LEU A 172 -11.46 -18.62 3.33
CA LEU A 172 -10.48 -19.40 2.59
C LEU A 172 -9.72 -18.53 1.61
N SER A 173 -8.41 -18.76 1.52
CA SER A 173 -7.58 -18.02 0.58
C SER A 173 -7.78 -18.54 -0.84
N PRO A 174 -7.37 -17.76 -1.85
CA PRO A 174 -7.46 -18.25 -3.23
C PRO A 174 -6.62 -19.50 -3.48
N GLU A 175 -5.40 -19.55 -2.94
CA GLU A 175 -4.50 -20.65 -3.25
C GLU A 175 -4.99 -21.97 -2.66
N VAL A 176 -5.69 -21.94 -1.52
CA VAL A 176 -6.29 -23.15 -1.00
C VAL A 176 -7.43 -23.61 -1.90
N LEU A 177 -8.19 -22.65 -2.45
CA LEU A 177 -9.30 -23.01 -3.33
C LEU A 177 -8.80 -23.58 -4.65
N ARG A 178 -7.71 -23.05 -5.19
CA ARG A 178 -7.10 -23.59 -6.39
C ARG A 178 -6.33 -24.88 -6.12
N LYS A 179 -6.25 -25.31 -4.86
CA LYS A 179 -5.51 -26.51 -4.49
C LYS A 179 -4.04 -26.39 -4.89
N ASP A 180 -3.48 -25.18 -4.74
CA ASP A 180 -2.06 -24.94 -4.89
C ASP A 180 -1.34 -25.20 -3.58
N PRO A 181 -0.01 -25.39 -3.61
CA PRO A 181 0.75 -25.39 -2.35
C PRO A 181 0.63 -24.04 -1.66
N TYR A 182 0.60 -24.08 -0.33
CA TYR A 182 0.33 -22.86 0.43
C TYR A 182 1.06 -22.93 1.77
N GLY A 183 0.93 -21.83 2.53
CA GLY A 183 1.59 -21.74 3.82
C GLY A 183 1.13 -20.53 4.62
N LYS A 184 2.09 -19.84 5.23
CA LYS A 184 1.76 -18.72 6.12
C LYS A 184 0.83 -17.69 5.50
N PRO A 185 0.96 -17.33 4.21
CA PRO A 185 0.09 -16.27 3.67
C PRO A 185 -1.40 -16.52 3.83
N VAL A 186 -1.85 -17.77 3.96
CA VAL A 186 -3.28 -18.01 4.08
C VAL A 186 -3.84 -17.35 5.33
N ASP A 187 -3.07 -17.33 6.42
CA ASP A 187 -3.54 -16.64 7.62
C ASP A 187 -3.69 -15.15 7.35
N MET A 188 -2.85 -14.58 6.50
CA MET A 188 -2.94 -13.15 6.22
C MET A 188 -4.11 -12.82 5.32
N TRP A 189 -4.53 -13.75 4.46
CA TRP A 189 -5.75 -13.53 3.70
C TRP A 189 -6.96 -13.51 4.62
N ALA A 190 -6.99 -14.42 5.59
CA ALA A 190 -8.07 -14.43 6.57
C ALA A 190 -8.10 -13.14 7.37
N CYS A 191 -6.93 -12.67 7.83
CA CYS A 191 -6.87 -11.40 8.54
C CYS A 191 -7.44 -10.27 7.70
N GLY A 192 -7.25 -10.33 6.38
CA GLY A 192 -7.85 -9.32 5.52
C GLY A 192 -9.37 -9.35 5.57
N VAL A 193 -9.94 -10.55 5.50
CA VAL A 193 -11.38 -10.69 5.59
C VAL A 193 -11.88 -10.16 6.94
N ILE A 194 -11.20 -10.57 8.02
CA ILE A 194 -11.61 -10.11 9.34
C ILE A 194 -11.52 -8.60 9.45
N LEU A 195 -10.44 -8.01 8.94
CA LEU A 195 -10.28 -6.56 9.00
C LEU A 195 -11.40 -5.85 8.23
N TYR A 196 -11.73 -6.36 7.04
CA TYR A 196 -12.85 -5.83 6.28
C TYR A 196 -14.13 -5.83 7.12
N ILE A 197 -14.41 -6.94 7.80
CA ILE A 197 -15.62 -7.05 8.60
C ILE A 197 -15.58 -6.10 9.78
N LEU A 198 -14.38 -5.90 10.37
CA LEU A 198 -14.27 -5.03 11.52
C LEU A 198 -14.56 -3.57 11.17
N LEU A 199 -14.42 -3.20 9.89
CA LEU A 199 -14.61 -1.82 9.49
C LEU A 199 -16.05 -1.51 9.06
N VAL A 200 -16.73 -2.43 8.38
CA VAL A 200 -18.07 -2.16 7.89
C VAL A 200 -19.12 -3.14 8.40
N GLY A 201 -18.75 -4.28 8.97
CA GLY A 201 -19.70 -5.17 9.58
C GLY A 201 -20.28 -6.24 8.68
N TYR A 202 -19.73 -6.43 7.48
CA TYR A 202 -20.19 -7.48 6.58
C TYR A 202 -18.99 -7.98 5.79
N PRO A 203 -19.02 -9.24 5.33
CA PRO A 203 -17.81 -9.82 4.75
C PRO A 203 -17.54 -9.28 3.35
N PRO A 204 -16.28 -9.27 2.92
CA PRO A 204 -15.99 -8.84 1.55
C PRO A 204 -16.46 -9.82 0.49
N PHE A 205 -16.52 -11.11 0.81
CA PHE A 205 -16.95 -12.15 -0.12
C PHE A 205 -18.13 -12.87 0.49
N TRP A 206 -19.23 -12.98 -0.27
CA TRP A 206 -20.41 -13.62 0.26
C TRP A 206 -21.35 -13.98 -0.88
N ASP A 207 -21.95 -15.15 -0.78
CA ASP A 207 -22.96 -15.58 -1.74
C ASP A 207 -23.73 -16.73 -1.12
N GLU A 208 -25.02 -16.79 -1.44
CA GLU A 208 -25.83 -17.92 -1.00
C GLU A 208 -25.20 -19.23 -1.45
N ASP A 209 -24.86 -19.32 -2.74
CA ASP A 209 -24.26 -20.52 -3.30
C ASP A 209 -22.77 -20.53 -2.98
N GLN A 210 -22.32 -21.59 -2.31
CA GLN A 210 -20.91 -21.69 -1.95
C GLN A 210 -20.01 -21.72 -3.18
N HIS A 211 -20.52 -22.19 -4.32
CA HIS A 211 -19.68 -22.22 -5.52
C HIS A 211 -19.43 -20.82 -6.06
N ARG A 212 -20.44 -19.94 -5.99
CA ARG A 212 -20.22 -18.55 -6.39
C ARG A 212 -19.27 -17.85 -5.42
N LEU A 213 -19.38 -18.15 -4.13
CA LEU A 213 -18.45 -17.58 -3.16
C LEU A 213 -17.01 -17.86 -3.54
N TYR A 214 -16.71 -19.12 -3.88
CA TYR A 214 -15.33 -19.49 -4.18
C TYR A 214 -14.83 -18.79 -5.44
N GLN A 215 -15.69 -18.61 -6.44
CA GLN A 215 -15.28 -17.85 -7.61
C GLN A 215 -14.99 -16.39 -7.24
N GLN A 216 -15.80 -15.81 -6.36
CA GLN A 216 -15.49 -14.47 -5.85
C GLN A 216 -14.12 -14.44 -5.20
N ILE A 217 -13.85 -15.38 -4.30
CA ILE A 217 -12.59 -15.37 -3.56
C ILE A 217 -11.41 -15.51 -4.51
N LYS A 218 -11.47 -16.51 -5.40
CA LYS A 218 -10.35 -16.74 -6.32
C LYS A 218 -10.10 -15.54 -7.21
N ALA A 219 -11.13 -14.75 -7.51
CA ALA A 219 -11.01 -13.58 -8.37
C ALA A 219 -10.72 -12.30 -7.58
N GLY A 220 -10.69 -12.38 -6.25
CA GLY A 220 -10.55 -11.17 -5.46
C GLY A 220 -11.66 -10.17 -5.70
N ALA A 221 -12.90 -10.65 -5.87
CA ALA A 221 -14.01 -9.79 -6.26
C ALA A 221 -14.64 -9.15 -5.02
N TYR A 222 -13.87 -8.26 -4.41
CA TYR A 222 -14.33 -7.41 -3.32
C TYR A 222 -14.20 -5.96 -3.75
N ASP A 223 -14.95 -5.08 -3.10
CA ASP A 223 -14.82 -3.65 -3.35
C ASP A 223 -15.21 -2.89 -2.08
N PHE A 224 -15.13 -1.56 -2.17
CA PHE A 224 -15.37 -0.65 -1.06
C PHE A 224 -16.55 0.23 -1.43
N PRO A 225 -17.78 -0.31 -1.38
CA PRO A 225 -18.93 0.44 -1.91
C PRO A 225 -19.28 1.66 -1.08
N SER A 226 -19.86 2.64 -1.77
CA SER A 226 -20.44 3.79 -1.10
C SER A 226 -21.80 3.42 -0.53
N PRO A 227 -22.26 4.13 0.51
CA PRO A 227 -21.61 5.25 1.19
C PRO A 227 -20.72 4.85 2.37
N GLU A 228 -20.82 3.61 2.87
CA GLU A 228 -20.19 3.30 4.15
C GLU A 228 -18.66 3.38 4.08
N TRP A 229 -18.07 3.12 2.92
CA TRP A 229 -16.62 3.18 2.78
C TRP A 229 -16.10 4.57 2.46
N ASP A 230 -16.97 5.52 2.11
CA ASP A 230 -16.53 6.88 1.82
C ASP A 230 -15.81 7.51 3.01
N THR A 231 -16.13 7.07 4.22
CA THR A 231 -15.55 7.63 5.43
C THR A 231 -14.40 6.80 5.99
N VAL A 232 -14.05 5.71 5.33
CA VAL A 232 -12.91 4.90 5.76
C VAL A 232 -11.64 5.51 5.19
N THR A 233 -10.58 5.56 5.99
CA THR A 233 -9.37 6.22 5.56
C THR A 233 -8.70 5.45 4.41
N PRO A 234 -7.98 6.14 3.54
CA PRO A 234 -7.26 5.44 2.47
C PRO A 234 -6.23 4.45 2.98
N GLU A 235 -5.61 4.73 4.13
CA GLU A 235 -4.62 3.80 4.68
C GLU A 235 -5.27 2.51 5.15
N ALA A 236 -6.52 2.57 5.62
CA ALA A 236 -7.21 1.35 6.02
C ALA A 236 -7.53 0.48 4.81
N LYS A 237 -8.02 1.10 3.73
CA LYS A 237 -8.25 0.36 2.49
C LYS A 237 -6.94 -0.17 1.91
N ASP A 238 -5.84 0.55 2.12
CA ASP A 238 -4.54 0.10 1.63
C ASP A 238 -4.13 -1.20 2.34
N LEU A 239 -4.26 -1.25 3.66
CA LEU A 239 -3.88 -2.44 4.39
C LEU A 239 -4.74 -3.63 3.99
N ILE A 240 -6.05 -3.41 3.84
CA ILE A 240 -6.93 -4.48 3.37
C ILE A 240 -6.48 -4.97 2.00
N ASN A 241 -6.31 -4.04 1.05
CA ASN A 241 -5.81 -4.39 -0.28
C ASN A 241 -4.60 -5.31 -0.19
N LYS A 242 -3.63 -4.95 0.65
CA LYS A 242 -2.38 -5.72 0.72
C LYS A 242 -2.57 -7.07 1.38
N MET A 243 -3.60 -7.23 2.21
CA MET A 243 -3.92 -8.55 2.75
C MET A 243 -4.70 -9.39 1.75
N LEU A 244 -5.65 -8.77 1.05
CA LEU A 244 -6.47 -9.46 0.04
C LEU A 244 -5.80 -9.45 -1.32
N THR A 245 -4.48 -9.64 -1.36
CA THR A 245 -3.72 -9.73 -2.60
C THR A 245 -3.68 -11.19 -3.03
N ILE A 246 -4.12 -11.47 -4.26
CA ILE A 246 -4.26 -12.86 -4.71
C ILE A 246 -2.91 -13.55 -4.75
N ASN A 247 -1.90 -12.88 -5.29
CA ASN A 247 -0.57 -13.49 -5.37
C ASN A 247 -0.01 -13.69 -3.97
N PRO A 248 0.17 -14.93 -3.50
CA PRO A 248 0.56 -15.13 -2.09
C PRO A 248 1.95 -14.62 -1.77
N ALA A 249 2.84 -14.52 -2.75
CA ALA A 249 4.21 -14.06 -2.46
C ALA A 249 4.24 -12.56 -2.21
N LYS A 250 3.39 -11.80 -2.90
CA LYS A 250 3.34 -10.36 -2.71
C LYS A 250 2.32 -9.95 -1.65
N ARG A 251 1.52 -10.87 -1.14
CA ARG A 251 0.64 -10.57 -0.02
C ARG A 251 1.48 -10.15 1.19
N ILE A 252 0.99 -9.12 1.90
CA ILE A 252 1.73 -8.60 3.04
C ILE A 252 1.82 -9.66 4.13
N THR A 253 2.99 -9.75 4.76
CA THR A 253 3.18 -10.67 5.87
C THR A 253 2.74 -10.02 7.18
N ALA A 254 2.68 -10.82 8.25
CA ALA A 254 2.26 -10.30 9.54
C ALA A 254 3.26 -9.28 10.07
N SER A 255 4.56 -9.55 9.92
CA SER A 255 5.56 -8.60 10.39
C SER A 255 5.53 -7.30 9.59
N GLU A 256 5.18 -7.38 8.30
CA GLU A 256 5.06 -6.17 7.51
C GLU A 256 3.80 -5.39 7.86
N ALA A 257 2.72 -6.10 8.18
CA ALA A 257 1.46 -5.42 8.49
C ALA A 257 1.53 -4.71 9.83
N LEU A 258 2.28 -5.26 10.79
CA LEU A 258 2.47 -4.58 12.06
C LEU A 258 3.27 -3.30 11.93
N LYS A 259 3.91 -3.07 10.78
CA LYS A 259 4.63 -1.85 10.50
C LYS A 259 3.91 -0.97 9.49
N HIS A 260 2.65 -1.26 9.21
CA HIS A 260 1.83 -0.43 8.33
C HIS A 260 1.36 0.81 9.09
N PRO A 261 1.37 1.99 8.46
CA PRO A 261 1.06 3.22 9.22
C PRO A 261 -0.28 3.17 9.93
N TRP A 262 -1.29 2.52 9.35
CA TRP A 262 -2.59 2.42 9.98
C TRP A 262 -2.54 1.59 11.27
N ILE A 263 -1.50 0.77 11.45
CA ILE A 263 -1.36 -0.07 12.63
C ILE A 263 -0.42 0.58 13.64
N CYS A 264 0.79 0.93 13.21
CA CYS A 264 1.81 1.43 14.13
C CYS A 264 1.74 2.93 14.35
N GLN A 265 1.16 3.67 13.41
CA GLN A 265 0.90 5.10 13.60
C GLN A 265 -0.60 5.31 13.73
N ARG A 266 -1.24 4.51 14.58
CA ARG A 266 -2.70 4.47 14.64
C ARG A 266 -3.27 5.82 15.08
N SER A 267 -2.66 6.44 16.09
CA SER A 267 -3.24 7.63 16.70
C SER A 267 -3.30 8.82 15.74
N THR A 268 -2.53 8.81 14.66
CA THR A 268 -2.51 9.91 13.71
C THR A 268 -2.96 9.52 12.31
N VAL A 269 -3.27 8.25 12.07
CA VAL A 269 -3.67 7.77 10.74
C VAL A 269 -5.08 7.21 10.74
N ALA A 270 -5.44 6.43 11.77
CA ALA A 270 -6.77 5.84 11.84
C ALA A 270 -7.80 6.89 12.23
N SER A 271 -8.97 6.82 11.61
CA SER A 271 -10.04 7.75 11.95
C SER A 271 -10.60 7.42 13.32
N MET A 272 -11.01 8.47 14.04
CA MET A 272 -11.63 8.33 15.35
C MET A 272 -13.14 8.41 15.30
N MET A 273 -13.71 8.61 14.11
CA MET A 273 -15.15 8.81 14.01
C MET A 273 -15.89 7.52 14.38
N HIS A 274 -17.00 7.70 15.10
CA HIS A 274 -17.84 6.56 15.45
C HIS A 274 -18.51 5.99 14.21
N ARG A 275 -18.55 4.66 14.12
CA ARG A 275 -19.10 3.96 12.97
C ARG A 275 -20.28 3.12 13.43
N GLN A 276 -21.39 3.79 13.76
CA GLN A 276 -22.57 3.09 14.28
C GLN A 276 -23.12 2.10 13.27
N GLU A 277 -23.09 2.45 11.99
CA GLU A 277 -23.59 1.52 10.97
C GLU A 277 -22.77 0.24 10.95
N THR A 278 -21.49 0.31 11.31
CA THR A 278 -20.69 -0.90 11.44
C THR A 278 -21.16 -1.73 12.61
N VAL A 279 -21.39 -1.09 13.76
CA VAL A 279 -21.94 -1.79 14.91
C VAL A 279 -23.26 -2.46 14.54
N ASP A 280 -24.12 -1.73 13.82
CA ASP A 280 -25.42 -2.29 13.46
C ASP A 280 -25.27 -3.49 12.54
N CYS A 281 -24.40 -3.40 11.54
CA CYS A 281 -24.19 -4.51 10.63
C CYS A 281 -23.60 -5.72 11.35
N LEU A 282 -22.62 -5.48 12.24
CA LEU A 282 -22.01 -6.59 12.97
C LEU A 282 -23.05 -7.36 13.77
N LYS A 283 -24.01 -6.66 14.37
CA LYS A 283 -25.07 -7.33 15.11
C LYS A 283 -25.83 -8.30 14.21
N LYS A 284 -26.12 -7.90 12.97
CA LYS A 284 -26.72 -8.83 12.03
C LYS A 284 -25.75 -9.94 11.66
N PHE A 285 -24.48 -9.59 11.42
CA PHE A 285 -23.48 -10.59 11.06
C PHE A 285 -23.33 -11.65 12.15
N ASN A 286 -23.32 -11.22 13.42
CA ASN A 286 -23.26 -12.18 14.51
C ASN A 286 -24.52 -13.03 14.57
N ALA A 287 -25.68 -12.43 14.31
CA ALA A 287 -26.92 -13.20 14.35
C ALA A 287 -26.93 -14.29 13.30
N ARG A 288 -26.50 -13.97 12.06
CA ARG A 288 -26.44 -14.99 11.02
C ARG A 288 -25.50 -16.12 11.41
N ARG A 289 -24.34 -15.79 12.01
CA ARG A 289 -23.40 -16.82 12.42
C ARG A 289 -24.04 -17.77 13.44
N LYS A 290 -24.81 -17.23 14.38
CA LYS A 290 -25.36 -18.05 15.44
C LYS A 290 -26.31 -19.12 14.92
N LEU A 291 -26.83 -18.96 13.70
CA LEU A 291 -27.71 -19.98 13.14
C LEU A 291 -26.94 -21.23 12.75
N LYS A 292 -25.77 -21.05 12.13
CA LYS A 292 -24.96 -22.18 11.69
C LYS A 292 -23.73 -22.34 12.60
N THR B 2 -7.00 -8.75 -19.48
CA THR B 2 -6.72 -7.90 -18.32
C THR B 2 -7.20 -8.56 -17.02
N ASP B 3 -7.89 -9.68 -17.13
CA ASP B 3 -8.31 -10.42 -15.94
C ASP B 3 -7.16 -11.16 -15.29
N GLU B 4 -5.94 -11.01 -15.80
CA GLU B 4 -4.73 -11.42 -15.12
C GLU B 4 -4.18 -10.34 -14.20
N TYR B 5 -4.88 -9.21 -14.10
CA TYR B 5 -4.48 -8.10 -13.25
C TYR B 5 -5.45 -7.95 -12.09
N GLN B 6 -4.91 -7.72 -10.90
CA GLN B 6 -5.68 -7.28 -9.74
C GLN B 6 -5.51 -5.78 -9.60
N LEU B 7 -6.61 -5.07 -9.40
CA LEU B 7 -6.59 -3.61 -9.32
C LEU B 7 -6.75 -3.16 -7.87
N PHE B 8 -6.02 -2.10 -7.52
CA PHE B 8 -6.04 -1.58 -6.16
C PHE B 8 -6.38 -0.09 -6.13
N GLU B 9 -5.66 0.70 -5.35
CA GLU B 9 -6.07 2.08 -5.08
C GLU B 9 -5.82 2.97 -6.29
N GLU B 10 -6.42 4.17 -6.25
CA GLU B 10 -6.22 5.16 -7.30
C GLU B 10 -4.94 5.94 -7.06
N LEU B 11 -4.16 6.13 -8.12
CA LEU B 11 -2.98 6.99 -8.10
C LEU B 11 -3.24 8.35 -8.74
N GLY B 12 -4.39 8.53 -9.36
CA GLY B 12 -4.73 9.81 -9.98
C GLY B 12 -6.03 9.70 -10.78
N LYS B 13 -6.70 10.82 -10.98
CA LYS B 13 -7.96 10.85 -11.72
C LYS B 13 -7.86 11.83 -12.87
N GLY B 14 -8.64 11.57 -13.92
CA GLY B 14 -8.62 12.41 -15.11
C GLY B 14 -10.00 12.71 -15.65
N ALA B 15 -10.05 13.27 -16.86
CA ALA B 15 -11.34 13.61 -17.47
C ALA B 15 -12.12 12.35 -17.81
N PHE B 16 -11.52 11.44 -18.56
CA PHE B 16 -12.09 10.14 -18.88
C PHE B 16 -11.22 9.00 -18.40
N SER B 17 -10.30 9.27 -17.47
CA SER B 17 -9.28 8.30 -17.10
C SER B 17 -9.11 8.26 -15.59
N VAL B 18 -8.50 7.16 -15.13
CA VAL B 18 -8.10 7.01 -13.73
C VAL B 18 -6.87 6.12 -13.70
N VAL B 19 -5.96 6.41 -12.79
CA VAL B 19 -4.75 5.61 -12.59
C VAL B 19 -4.93 4.77 -11.34
N ARG B 20 -4.67 3.47 -11.46
CA ARG B 20 -4.80 2.56 -10.34
C ARG B 20 -3.56 1.68 -10.23
N ARG B 21 -3.14 1.42 -9.00
CA ARG B 21 -2.13 0.39 -8.78
C ARG B 21 -2.74 -0.96 -9.12
N CYS B 22 -1.97 -1.79 -9.83
CA CYS B 22 -2.43 -3.12 -10.20
C CYS B 22 -1.24 -4.06 -10.17
N MET B 23 -1.55 -5.36 -10.20
CA MET B 23 -0.55 -6.41 -10.09
C MET B 23 -0.94 -7.57 -10.98
N LYS B 24 0.01 -8.06 -11.77
CA LYS B 24 -0.21 -9.27 -12.53
C LYS B 24 -0.26 -10.46 -11.57
N ILE B 25 -1.39 -11.15 -11.54
CA ILE B 25 -1.62 -12.14 -10.50
C ILE B 25 -0.60 -13.28 -10.54
N PRO B 26 -0.32 -13.91 -11.68
CA PRO B 26 0.59 -15.07 -11.62
C PRO B 26 2.04 -14.71 -11.36
N THR B 27 2.52 -13.59 -11.88
CA THR B 27 3.92 -13.22 -11.77
C THR B 27 4.21 -12.26 -10.62
N GLY B 28 3.20 -11.59 -10.08
CA GLY B 28 3.41 -10.66 -8.99
C GLY B 28 4.01 -9.32 -9.39
N GLN B 29 4.31 -9.11 -10.67
CA GLN B 29 4.83 -7.82 -11.11
C GLN B 29 3.80 -6.73 -10.87
N GLU B 30 4.27 -5.56 -10.45
CA GLU B 30 3.40 -4.46 -10.05
C GLU B 30 3.45 -3.36 -11.10
N TYR B 31 2.31 -2.73 -11.33
CA TYR B 31 2.17 -1.75 -12.40
C TYR B 31 1.30 -0.60 -11.95
N ALA B 32 1.39 0.50 -12.70
CA ALA B 32 0.46 1.62 -12.62
C ALA B 32 -0.29 1.67 -13.94
N ALA B 33 -1.60 1.46 -13.89
CA ALA B 33 -2.43 1.31 -15.08
C ALA B 33 -3.31 2.54 -15.24
N LYS B 34 -3.23 3.18 -16.40
CA LYS B 34 -4.12 4.29 -16.74
C LYS B 34 -5.31 3.72 -17.50
N ILE B 35 -6.46 3.64 -16.83
CA ILE B 35 -7.67 3.12 -17.43
C ILE B 35 -8.45 4.30 -18.01
N ILE B 36 -8.67 4.28 -19.32
CA ILE B 36 -9.45 5.29 -20.01
C ILE B 36 -10.76 4.66 -20.46
N ASN B 37 -11.87 5.31 -20.12
CA ASN B 37 -13.18 4.88 -20.60
C ASN B 37 -13.36 5.36 -22.03
N THR B 38 -13.29 4.44 -22.99
CA THR B 38 -13.45 4.77 -24.41
C THR B 38 -14.85 4.44 -24.92
N LYS B 39 -15.82 4.25 -24.02
CA LYS B 39 -17.19 4.02 -24.45
C LYS B 39 -17.70 5.19 -25.29
N LYS B 40 -17.73 6.39 -24.69
CA LYS B 40 -18.12 7.62 -25.36
C LYS B 40 -16.89 8.52 -25.37
N LEU B 41 -16.05 8.36 -26.39
CA LEU B 41 -14.76 9.03 -26.48
C LEU B 41 -14.65 9.73 -27.82
N SER B 42 -14.07 10.93 -27.79
CA SER B 42 -13.93 11.72 -29.01
C SER B 42 -12.82 11.14 -29.89
N ALA B 43 -12.97 11.35 -31.20
CA ALA B 43 -11.94 10.88 -32.13
C ALA B 43 -10.61 11.58 -31.88
N ARG B 44 -10.66 12.89 -31.57
CA ARG B 44 -9.44 13.62 -31.22
C ARG B 44 -8.92 13.21 -29.85
N ASP B 45 -9.83 12.89 -28.91
CA ASP B 45 -9.38 12.36 -27.63
C ASP B 45 -8.83 10.95 -27.78
N HIS B 46 -9.42 10.15 -28.68
CA HIS B 46 -8.82 8.87 -29.05
C HIS B 46 -7.51 9.07 -29.78
N GLN B 47 -7.31 10.24 -30.41
CA GLN B 47 -6.06 10.57 -31.07
C GLN B 47 -5.03 11.09 -30.07
N LYS B 48 -5.45 11.96 -29.16
CA LYS B 48 -4.60 12.34 -28.04
C LYS B 48 -4.19 11.12 -27.22
N LEU B 49 -4.98 10.06 -27.26
CA LEU B 49 -4.67 8.85 -26.50
C LEU B 49 -3.67 7.98 -27.24
N GLU B 50 -3.82 7.85 -28.56
CA GLU B 50 -2.82 7.10 -29.32
C GLU B 50 -1.49 7.83 -29.35
N ARG B 51 -1.49 9.16 -29.27
CA ARG B 51 -0.24 9.90 -29.14
C ARG B 51 0.50 9.51 -27.87
N GLU B 52 -0.19 9.58 -26.72
CA GLU B 52 0.46 9.21 -25.46
C GLU B 52 0.96 7.77 -25.52
N ALA B 53 0.13 6.85 -26.00
CA ALA B 53 0.58 5.48 -26.17
C ALA B 53 1.77 5.42 -27.12
N ARG B 54 1.73 6.22 -28.20
CA ARG B 54 2.85 6.27 -29.14
C ARG B 54 4.09 6.84 -28.48
N ILE B 55 3.95 7.96 -27.76
CA ILE B 55 5.11 8.56 -27.10
C ILE B 55 5.65 7.63 -26.03
N CYS B 56 4.78 7.13 -25.15
CA CYS B 56 5.24 6.24 -24.08
C CYS B 56 5.90 4.99 -24.64
N ARG B 57 5.38 4.48 -25.77
CA ARG B 57 5.97 3.31 -26.40
C ARG B 57 7.38 3.61 -26.88
N LEU B 58 7.63 4.83 -27.37
CA LEU B 58 8.92 5.17 -27.95
C LEU B 58 10.00 5.37 -26.91
N LEU B 59 9.66 5.89 -25.73
CA LEU B 59 10.66 6.27 -24.74
C LEU B 59 11.07 5.06 -23.91
N LYS B 60 12.32 4.65 -24.08
CA LYS B 60 12.90 3.52 -23.34
C LYS B 60 14.20 4.01 -22.73
N HIS B 61 14.14 4.42 -21.46
CA HIS B 61 15.30 5.00 -20.77
C HIS B 61 15.15 4.69 -19.28
N PRO B 62 16.24 4.40 -18.57
CA PRO B 62 16.10 4.05 -17.14
C PRO B 62 15.58 5.19 -16.27
N ASN B 63 15.60 6.43 -16.75
CA ASN B 63 15.08 7.57 -16.02
C ASN B 63 13.69 7.98 -16.48
N ILE B 64 12.99 7.09 -17.18
CA ILE B 64 11.65 7.35 -17.68
C ILE B 64 10.81 6.10 -17.44
N VAL B 65 9.58 6.30 -16.95
CA VAL B 65 8.70 5.17 -16.69
C VAL B 65 8.49 4.40 -17.99
N ARG B 66 8.41 3.07 -17.87
CA ARG B 66 8.36 2.17 -19.02
C ARG B 66 6.93 1.70 -19.23
N LEU B 67 6.44 1.81 -20.47
CA LEU B 67 5.10 1.33 -20.81
C LEU B 67 5.17 -0.17 -21.05
N HIS B 68 4.59 -0.94 -20.13
CA HIS B 68 4.65 -2.40 -20.22
C HIS B 68 3.74 -2.91 -21.35
N ASP B 69 2.48 -2.51 -21.34
CA ASP B 69 1.51 -3.04 -22.29
C ASP B 69 0.49 -1.97 -22.63
N SER B 70 -0.10 -2.10 -23.82
CA SER B 70 -1.18 -1.23 -24.28
C SER B 70 -2.31 -2.16 -24.72
N ILE B 71 -3.40 -2.18 -23.95
CA ILE B 71 -4.47 -3.14 -24.13
C ILE B 71 -5.74 -2.39 -24.49
N SER B 72 -6.44 -2.85 -25.53
CA SER B 72 -7.67 -2.24 -26.02
C SER B 72 -8.81 -3.23 -25.82
N GLU B 73 -9.38 -3.23 -24.61
CA GLU B 73 -10.53 -4.07 -24.31
C GLU B 73 -11.81 -3.42 -24.86
N GLU B 74 -12.92 -4.12 -24.68
CA GLU B 74 -14.22 -3.60 -25.11
C GLU B 74 -14.64 -2.48 -24.17
N GLY B 75 -14.69 -1.25 -24.68
CA GLY B 75 -15.12 -0.10 -23.92
C GLY B 75 -14.06 0.54 -23.06
N PHE B 76 -12.92 -0.11 -22.85
CA PHE B 76 -11.84 0.44 -22.04
C PHE B 76 -10.51 0.25 -22.76
N HIS B 77 -9.55 1.11 -22.41
CA HIS B 77 -8.19 1.00 -22.88
C HIS B 77 -7.26 1.13 -21.69
N TYR B 78 -6.22 0.30 -21.65
CA TYR B 78 -5.27 0.26 -20.55
C TYR B 78 -3.89 0.64 -21.05
N LEU B 79 -3.25 1.58 -20.37
CA LEU B 79 -1.82 1.85 -20.52
C LEU B 79 -1.16 1.40 -19.22
N VAL B 80 -0.43 0.29 -19.29
CA VAL B 80 0.15 -0.34 -18.11
C VAL B 80 1.64 0.00 -18.05
N PHE B 81 2.03 0.74 -17.01
CA PHE B 81 3.41 1.13 -16.78
C PHE B 81 4.00 0.33 -15.63
N ASP B 82 5.29 0.01 -15.72
CA ASP B 82 5.98 -0.60 -14.59
C ASP B 82 5.85 0.32 -13.37
N LEU B 83 5.51 -0.27 -12.24
CA LEU B 83 5.22 0.53 -11.05
C LEU B 83 6.52 1.02 -10.40
N VAL B 84 6.54 2.30 -10.11
CA VAL B 84 7.64 2.96 -9.41
C VAL B 84 7.16 3.25 -7.99
N THR B 85 7.83 2.67 -7.00
CA THR B 85 7.30 2.61 -5.64
C THR B 85 8.11 3.41 -4.63
N GLY B 86 9.00 4.28 -5.09
CA GLY B 86 9.81 5.08 -4.19
C GLY B 86 9.26 6.45 -3.84
N GLY B 87 8.03 6.76 -4.22
CA GLY B 87 7.43 8.04 -3.91
C GLY B 87 8.02 9.17 -4.74
N GLU B 88 7.54 10.37 -4.44
CA GLU B 88 8.03 11.56 -5.13
C GLU B 88 9.45 11.89 -4.71
N LEU B 89 10.22 12.45 -5.64
CA LEU B 89 11.57 12.89 -5.33
C LEU B 89 11.57 13.89 -4.19
N PHE B 90 10.67 14.87 -4.24
CA PHE B 90 10.69 15.95 -3.26
C PHE B 90 10.37 15.44 -1.86
N GLU B 91 9.53 14.41 -1.74
CA GLU B 91 9.19 13.87 -0.43
C GLU B 91 10.28 12.96 0.13
N ASP B 92 11.14 12.41 -0.73
CA ASP B 92 12.30 11.67 -0.25
C ASP B 92 13.41 12.58 0.23
N ILE B 93 13.46 13.83 -0.25
CA ILE B 93 14.51 14.75 0.16
C ILE B 93 14.25 15.26 1.57
N VAL B 94 12.99 15.53 1.91
CA VAL B 94 12.68 16.12 3.20
C VAL B 94 12.92 15.15 4.36
N ALA B 95 12.89 13.85 4.10
CA ALA B 95 13.16 12.85 5.13
C ALA B 95 14.61 12.39 5.13
N ARG B 96 15.46 12.95 4.28
CA ARG B 96 16.84 12.52 4.17
C ARG B 96 17.65 13.06 5.34
N GLU B 97 18.68 12.28 5.74
CA GLU B 97 19.57 12.75 6.79
C GLU B 97 20.41 13.92 6.32
N TYR B 98 20.99 13.80 5.13
CA TYR B 98 21.92 14.77 4.59
C TYR B 98 21.55 15.10 3.15
N TYR B 99 21.58 16.39 2.81
CA TYR B 99 21.20 16.84 1.48
C TYR B 99 21.95 18.13 1.17
N SER B 100 22.77 18.10 0.12
CA SER B 100 23.63 19.21 -0.27
C SER B 100 23.44 19.51 -1.76
N GLU B 101 24.17 20.51 -2.25
CA GLU B 101 24.20 20.76 -3.69
C GLU B 101 24.57 19.50 -4.44
N ALA B 102 25.56 18.75 -3.95
CA ALA B 102 25.98 17.53 -4.63
C ALA B 102 24.79 16.60 -4.85
N ASP B 103 23.87 16.54 -3.89
CA ASP B 103 22.70 15.70 -4.04
C ASP B 103 21.73 16.30 -5.04
N ALA B 104 21.56 17.63 -5.03
CA ALA B 104 20.71 18.27 -6.02
C ALA B 104 21.26 18.10 -7.43
N SER B 105 22.58 18.15 -7.58
CA SER B 105 23.18 17.98 -8.89
C SER B 105 22.95 16.57 -9.42
N HIS B 106 23.09 15.56 -8.56
CA HIS B 106 22.85 14.20 -8.99
C HIS B 106 21.41 14.00 -9.42
N CYS B 107 20.48 14.67 -8.72
CA CYS B 107 19.07 14.57 -9.09
C CYS B 107 18.80 15.24 -10.44
N ILE B 108 19.25 16.50 -10.59
CA ILE B 108 18.95 17.23 -11.81
C ILE B 108 19.67 16.62 -13.01
N GLN B 109 20.80 15.95 -12.78
CA GLN B 109 21.47 15.27 -13.88
C GLN B 109 20.60 14.13 -14.41
N GLN B 110 20.05 13.32 -13.51
CA GLN B 110 19.13 12.26 -13.94
C GLN B 110 17.92 12.86 -14.67
N ILE B 111 17.38 13.96 -14.15
CA ILE B 111 16.27 14.62 -14.83
C ILE B 111 16.71 15.09 -16.21
N LEU B 112 17.90 15.67 -16.29
CA LEU B 112 18.36 16.21 -17.57
C LEU B 112 18.58 15.11 -18.60
N GLU B 113 19.07 13.95 -18.17
CA GLU B 113 19.25 12.85 -19.10
C GLU B 113 17.92 12.37 -19.66
N SER B 114 16.90 12.26 -18.80
CA SER B 114 15.59 11.88 -19.28
C SER B 114 14.99 12.95 -20.18
N VAL B 115 15.25 14.23 -19.86
CA VAL B 115 14.79 15.30 -20.72
C VAL B 115 15.54 15.29 -22.04
N ASN B 116 16.86 15.11 -21.98
CA ASN B 116 17.65 15.02 -23.21
C ASN B 116 17.15 13.88 -24.09
N HIS B 117 16.86 12.72 -23.49
CA HIS B 117 16.36 11.59 -24.26
C HIS B 117 15.06 11.94 -24.96
N CYS B 118 14.10 12.52 -24.23
CA CYS B 118 12.86 12.97 -24.85
C CYS B 118 13.15 13.89 -26.03
N HIS B 119 14.08 14.83 -25.87
CA HIS B 119 14.32 15.82 -26.90
C HIS B 119 15.05 15.23 -28.09
N LEU B 120 15.92 14.24 -27.86
CA LEU B 120 16.55 13.56 -28.99
C LEU B 120 15.51 12.89 -29.86
N ASN B 121 14.44 12.37 -29.25
CA ASN B 121 13.36 11.70 -29.97
C ASN B 121 12.22 12.65 -30.32
N GLY B 122 12.46 13.95 -30.33
CA GLY B 122 11.45 14.89 -30.76
C GLY B 122 10.21 14.89 -29.88
N ILE B 123 10.39 14.81 -28.57
CA ILE B 123 9.28 14.78 -27.62
C ILE B 123 9.51 15.87 -26.57
N VAL B 124 8.48 16.67 -26.32
CA VAL B 124 8.52 17.73 -25.31
C VAL B 124 7.46 17.40 -24.27
N HIS B 125 7.89 17.30 -23.01
CA HIS B 125 6.99 16.85 -21.95
C HIS B 125 5.92 17.90 -21.67
N ARG B 126 6.32 19.15 -21.49
CA ARG B 126 5.49 20.33 -21.28
C ARG B 126 4.93 20.43 -19.87
N ASP B 127 5.11 19.42 -19.02
CA ASP B 127 4.51 19.44 -17.68
C ASP B 127 5.49 18.86 -16.66
N LEU B 128 6.74 19.33 -16.68
CA LEU B 128 7.70 18.93 -15.66
C LEU B 128 7.34 19.58 -14.34
N LYS B 129 7.05 18.76 -13.34
CA LYS B 129 6.72 19.25 -12.01
C LYS B 129 7.07 18.16 -11.00
N PRO B 130 7.15 18.50 -9.71
CA PRO B 130 7.52 17.49 -8.72
C PRO B 130 6.64 16.25 -8.75
N GLU B 131 5.33 16.42 -8.98
CA GLU B 131 4.44 15.27 -9.05
C GLU B 131 4.90 14.25 -10.10
N ASN B 132 5.63 14.69 -11.12
CA ASN B 132 6.06 13.82 -12.19
C ASN B 132 7.53 13.39 -12.03
N LEU B 133 8.11 13.60 -10.86
CA LEU B 133 9.50 13.22 -10.58
C LEU B 133 9.47 12.19 -9.45
N LEU B 134 9.54 10.91 -9.81
CA LEU B 134 9.45 9.81 -8.87
C LEU B 134 10.83 9.19 -8.66
N LEU B 135 10.96 8.45 -7.57
CA LEU B 135 12.14 7.64 -7.30
C LEU B 135 11.80 6.18 -7.50
N ALA B 136 12.72 5.43 -8.11
CA ALA B 136 12.42 4.08 -8.55
C ALA B 136 12.02 3.18 -7.39
N SER B 137 12.75 3.23 -6.28
CA SER B 137 12.46 2.34 -5.16
C SER B 137 12.81 3.07 -3.86
N LYS B 138 12.98 2.30 -2.79
CA LYS B 138 13.32 2.81 -1.47
C LYS B 138 14.70 2.25 -1.11
N SER B 139 15.75 2.92 -1.62
CA SER B 139 17.13 2.48 -1.41
C SER B 139 17.36 1.06 -1.90
N LYS B 140 16.64 0.68 -2.97
CA LYS B 140 16.82 -0.58 -3.67
C LYS B 140 17.00 -0.34 -5.16
N GLY B 141 17.76 0.70 -5.50
CA GLY B 141 17.86 1.19 -6.86
C GLY B 141 17.01 2.43 -7.03
N ALA B 142 17.52 3.58 -6.57
CA ALA B 142 16.70 4.78 -6.40
C ALA B 142 17.06 5.83 -7.45
N ALA B 143 16.74 5.51 -8.71
CA ALA B 143 16.90 6.44 -9.80
C ALA B 143 15.66 7.32 -9.94
N VAL B 144 15.85 8.51 -10.52
CA VAL B 144 14.74 9.43 -10.74
C VAL B 144 14.01 9.02 -12.01
N LYS B 145 12.68 9.00 -11.96
CA LYS B 145 11.85 8.56 -13.07
C LYS B 145 10.95 9.70 -13.49
N LEU B 146 11.09 10.14 -14.74
CA LEU B 146 10.16 11.09 -15.33
C LEU B 146 8.88 10.37 -15.69
N ALA B 147 7.74 10.96 -15.33
CA ALA B 147 6.45 10.29 -15.43
C ALA B 147 5.41 11.19 -16.10
N ASP B 148 4.29 10.55 -16.47
CA ASP B 148 3.10 11.20 -16.97
C ASP B 148 3.35 12.04 -18.23
N PHE B 149 3.25 11.39 -19.39
CA PHE B 149 3.39 12.05 -20.68
C PHE B 149 2.04 12.39 -21.30
N GLY B 150 1.01 12.60 -20.47
CA GLY B 150 -0.31 12.91 -20.97
C GLY B 150 -0.41 14.25 -21.67
N LEU B 151 0.57 15.13 -21.46
CA LEU B 151 0.62 16.42 -22.13
C LEU B 151 1.78 16.52 -23.11
N ALA B 152 2.54 15.44 -23.30
CA ALA B 152 3.70 15.48 -24.16
C ALA B 152 3.29 15.62 -25.62
N ILE B 153 4.12 16.32 -26.38
CA ILE B 153 3.90 16.54 -27.80
C ILE B 153 5.12 16.02 -28.57
N GLU B 154 4.91 15.75 -29.85
CA GLU B 154 5.98 15.35 -30.75
C GLU B 154 6.33 16.52 -31.64
N VAL B 155 7.61 16.88 -31.69
CA VAL B 155 8.07 18.03 -32.45
C VAL B 155 8.94 17.56 -33.61
N GLN B 156 9.31 18.50 -34.47
CA GLN B 156 10.08 18.22 -35.68
C GLN B 156 11.43 18.92 -35.54
N GLY B 157 12.46 18.15 -35.18
CA GLY B 157 13.78 18.73 -35.01
C GLY B 157 13.75 19.83 -33.96
N ASP B 158 14.06 21.06 -34.39
CA ASP B 158 13.99 22.23 -33.54
C ASP B 158 12.95 23.23 -34.02
N GLN B 159 11.96 22.76 -34.78
CA GLN B 159 10.93 23.64 -35.32
C GLN B 159 9.99 24.10 -34.21
N GLN B 160 9.89 25.41 -34.02
CA GLN B 160 8.98 25.98 -33.05
C GLN B 160 7.56 26.05 -33.62
N ALA B 161 6.58 26.11 -32.73
CA ALA B 161 5.18 26.20 -33.13
C ALA B 161 4.34 26.38 -31.87
N TRP B 162 3.11 26.84 -32.08
CA TRP B 162 2.16 27.03 -30.99
C TRP B 162 1.36 25.74 -30.83
N PHE B 163 1.69 24.95 -29.82
CA PHE B 163 1.04 23.68 -29.56
C PHE B 163 -0.07 23.76 -28.52
N GLY B 164 -0.31 24.93 -27.94
CA GLY B 164 -1.38 25.10 -26.98
C GLY B 164 -0.93 25.62 -25.63
N PHE B 165 -1.88 26.09 -24.83
CA PHE B 165 -1.59 26.61 -23.50
C PHE B 165 -1.78 25.49 -22.49
N ALA B 166 -0.71 24.74 -22.25
CA ALA B 166 -0.74 23.56 -21.39
C ALA B 166 0.43 23.59 -20.44
N GLY B 167 0.26 22.92 -19.30
CA GLY B 167 1.27 22.83 -18.28
C GLY B 167 0.75 23.31 -16.94
N THR B 168 1.66 23.41 -16.00
CA THR B 168 1.32 23.78 -14.63
C THR B 168 1.81 25.19 -14.35
N PRO B 169 0.98 26.06 -13.76
CA PRO B 169 1.45 27.38 -13.38
C PRO B 169 2.67 27.29 -12.48
N GLY B 170 3.54 28.28 -12.58
CA GLY B 170 4.77 28.31 -11.81
C GLY B 170 5.94 27.64 -12.47
N TYR B 171 5.67 26.66 -13.35
CA TYR B 171 6.69 26.04 -14.18
C TYR B 171 6.57 26.44 -15.65
N LEU B 172 5.54 27.21 -16.01
CA LEU B 172 5.36 27.62 -17.39
C LEU B 172 6.47 28.55 -17.84
N SER B 173 6.88 28.43 -19.10
CA SER B 173 7.93 29.27 -19.64
C SER B 173 7.36 30.61 -20.11
N PRO B 174 8.22 31.61 -20.27
CA PRO B 174 7.72 32.92 -20.72
C PRO B 174 7.10 32.88 -22.11
N GLU B 175 7.57 32.03 -23.01
CA GLU B 175 7.01 31.99 -24.36
C GLU B 175 5.61 31.39 -24.36
N VAL B 176 5.39 30.35 -23.55
CA VAL B 176 4.05 29.79 -23.45
C VAL B 176 3.10 30.79 -22.80
N LEU B 177 3.61 31.63 -21.88
CA LEU B 177 2.78 32.65 -21.28
C LEU B 177 2.52 33.80 -22.25
N ARG B 178 3.58 34.28 -22.93
CA ARG B 178 3.39 35.28 -23.97
C ARG B 178 2.51 34.78 -25.11
N LYS B 179 2.25 33.47 -25.17
CA LYS B 179 1.44 32.88 -26.22
C LYS B 179 2.14 33.01 -27.58
N ASP B 180 3.44 32.84 -27.58
CA ASP B 180 4.27 32.78 -28.77
C ASP B 180 4.58 31.33 -29.12
N PRO B 181 5.13 31.08 -30.32
CA PRO B 181 5.56 29.71 -30.64
C PRO B 181 6.61 29.25 -29.64
N TYR B 182 6.62 27.94 -29.38
CA TYR B 182 7.55 27.38 -28.41
C TYR B 182 7.94 25.97 -28.84
N GLY B 183 8.77 25.34 -28.02
CA GLY B 183 9.27 24.01 -28.30
C GLY B 183 10.07 23.42 -27.15
N LYS B 184 11.19 22.78 -27.48
CA LYS B 184 11.95 22.06 -26.46
C LYS B 184 12.40 22.93 -25.29
N PRO B 185 12.82 24.17 -25.47
CA PRO B 185 13.31 24.96 -24.33
C PRO B 185 12.31 25.07 -23.18
N VAL B 186 11.01 24.84 -23.42
CA VAL B 186 10.04 24.93 -22.33
C VAL B 186 10.38 23.94 -21.23
N ASP B 187 10.92 22.76 -21.60
CA ASP B 187 11.31 21.79 -20.58
C ASP B 187 12.52 22.27 -19.78
N MET B 188 13.43 22.99 -20.44
CA MET B 188 14.62 23.48 -19.74
C MET B 188 14.29 24.67 -18.83
N TRP B 189 13.24 25.43 -19.15
CA TRP B 189 12.79 26.45 -18.20
C TRP B 189 12.26 25.81 -16.94
N ALA B 190 11.43 24.77 -17.10
CA ALA B 190 10.89 24.07 -15.94
C ALA B 190 12.00 23.40 -15.13
N CYS B 191 13.02 22.89 -15.82
CA CYS B 191 14.18 22.35 -15.10
C CYS B 191 14.84 23.44 -14.26
N GLY B 192 14.93 24.66 -14.80
CA GLY B 192 15.47 25.76 -14.02
C GLY B 192 14.65 26.01 -12.76
N VAL B 193 13.33 25.92 -12.88
CA VAL B 193 12.46 26.08 -11.73
C VAL B 193 12.67 24.94 -10.74
N ILE B 194 12.85 23.73 -11.24
CA ILE B 194 13.02 22.57 -10.37
C ILE B 194 14.36 22.62 -9.67
N LEU B 195 15.43 22.95 -10.39
CA LEU B 195 16.74 23.06 -9.77
C LEU B 195 16.74 24.14 -8.69
N TYR B 196 16.13 25.29 -8.97
CA TYR B 196 15.99 26.34 -7.97
C TYR B 196 15.39 25.79 -6.68
N ILE B 197 14.27 25.07 -6.80
CA ILE B 197 13.61 24.52 -5.62
C ILE B 197 14.52 23.52 -4.91
N LEU B 198 15.21 22.68 -5.66
CA LEU B 198 16.08 21.69 -5.05
C LEU B 198 17.21 22.31 -4.24
N LEU B 199 17.48 23.60 -4.45
CA LEU B 199 18.60 24.27 -3.78
C LEU B 199 18.21 25.03 -2.53
N VAL B 200 17.02 25.62 -2.47
CA VAL B 200 16.63 26.43 -1.32
C VAL B 200 15.29 26.01 -0.75
N GLY B 201 14.53 25.21 -1.49
CA GLY B 201 13.29 24.65 -0.99
C GLY B 201 12.04 25.45 -1.28
N TYR B 202 12.14 26.55 -2.03
CA TYR B 202 10.98 27.36 -2.35
C TYR B 202 11.03 27.74 -3.82
N PRO B 203 9.89 28.03 -4.43
CA PRO B 203 9.86 28.29 -5.88
C PRO B 203 10.50 29.62 -6.22
N PRO B 204 10.94 29.79 -7.47
CA PRO B 204 11.48 31.09 -7.89
C PRO B 204 10.41 32.09 -8.28
N PHE B 205 9.25 31.59 -8.71
CA PHE B 205 8.12 32.44 -9.08
C PHE B 205 6.89 31.97 -8.30
N TRP B 206 6.25 32.88 -7.57
CA TRP B 206 5.06 32.53 -6.82
C TRP B 206 4.27 33.79 -6.50
N ASP B 207 2.95 33.65 -6.49
CA ASP B 207 2.04 34.72 -6.09
C ASP B 207 0.64 34.14 -5.93
N GLU B 208 -0.10 34.63 -4.93
CA GLU B 208 -1.41 34.07 -4.63
C GLU B 208 -2.39 34.23 -5.78
N ASP B 209 -2.19 35.22 -6.65
CA ASP B 209 -3.06 35.45 -7.79
C ASP B 209 -2.33 35.05 -9.07
N GLN B 210 -3.02 34.27 -9.92
CA GLN B 210 -2.35 33.62 -11.03
C GLN B 210 -1.91 34.61 -12.10
N HIS B 211 -2.68 35.69 -12.32
CA HIS B 211 -2.26 36.67 -13.30
C HIS B 211 -1.01 37.41 -12.84
N ARG B 212 -0.89 37.65 -11.54
CA ARG B 212 0.29 38.32 -11.01
C ARG B 212 1.53 37.44 -11.14
N LEU B 213 1.37 36.13 -10.88
CA LEU B 213 2.47 35.20 -11.04
C LEU B 213 2.99 35.22 -12.47
N TYR B 214 2.08 35.19 -13.44
CA TYR B 214 2.48 35.11 -14.84
C TYR B 214 3.24 36.36 -15.29
N GLN B 215 3.04 37.50 -14.63
CA GLN B 215 3.81 38.69 -14.97
C GLN B 215 5.28 38.52 -14.59
N GLN B 216 5.54 37.93 -13.41
CA GLN B 216 6.92 37.77 -12.96
C GLN B 216 7.66 36.76 -13.85
N ILE B 217 6.98 35.71 -14.28
CA ILE B 217 7.63 34.68 -15.09
C ILE B 217 8.08 35.25 -16.42
N LYS B 218 7.21 36.04 -17.07
CA LYS B 218 7.58 36.64 -18.35
C LYS B 218 8.73 37.63 -18.20
N ALA B 219 8.80 38.34 -17.08
CA ALA B 219 9.88 39.27 -16.84
C ALA B 219 11.13 38.61 -16.26
N GLY B 220 11.05 37.33 -15.92
CA GLY B 220 12.19 36.66 -15.30
C GLY B 220 12.56 37.24 -13.95
N ALA B 221 11.55 37.63 -13.16
CA ALA B 221 11.77 38.31 -11.89
C ALA B 221 12.03 37.29 -10.78
N TYR B 222 13.21 36.68 -10.84
CA TYR B 222 13.73 35.83 -9.79
C TYR B 222 15.06 36.40 -9.31
N ASP B 223 15.43 36.08 -8.08
CA ASP B 223 16.72 36.51 -7.55
C ASP B 223 17.21 35.47 -6.55
N PHE B 224 18.40 35.71 -5.99
CA PHE B 224 19.07 34.80 -5.07
C PHE B 224 19.24 35.50 -3.74
N PRO B 225 18.17 35.67 -2.97
CA PRO B 225 18.24 36.51 -1.76
C PRO B 225 19.10 35.88 -0.68
N SER B 226 19.75 36.74 0.09
CA SER B 226 20.51 36.30 1.25
C SER B 226 19.57 35.95 2.39
N PRO B 227 20.02 35.12 3.35
CA PRO B 227 21.32 34.47 3.45
C PRO B 227 21.34 33.07 2.84
N GLU B 228 20.20 32.58 2.35
CA GLU B 228 20.13 31.19 1.90
C GLU B 228 21.03 30.95 0.69
N TRP B 229 21.10 31.90 -0.24
CA TRP B 229 21.89 31.73 -1.44
C TRP B 229 23.35 32.15 -1.27
N ASP B 230 23.73 32.73 -0.12
CA ASP B 230 25.11 33.11 0.08
C ASP B 230 26.03 31.89 0.13
N THR B 231 25.53 30.77 0.63
CA THR B 231 26.29 29.53 0.68
C THR B 231 26.16 28.70 -0.59
N VAL B 232 25.42 29.17 -1.58
CA VAL B 232 25.26 28.46 -2.85
C VAL B 232 26.41 28.87 -3.76
N THR B 233 27.01 27.88 -4.44
CA THR B 233 28.15 28.15 -5.29
C THR B 233 27.74 29.00 -6.50
N PRO B 234 28.67 29.79 -7.04
CA PRO B 234 28.34 30.55 -8.26
C PRO B 234 28.09 29.66 -9.47
N GLU B 235 28.71 28.48 -9.53
CA GLU B 235 28.46 27.58 -10.64
C GLU B 235 27.02 27.09 -10.65
N ALA B 236 26.42 26.89 -9.47
CA ALA B 236 25.03 26.47 -9.40
C ALA B 236 24.11 27.60 -9.86
N LYS B 237 24.36 28.83 -9.38
CA LYS B 237 23.58 29.97 -9.83
C LYS B 237 23.75 30.19 -11.33
N ASP B 238 24.97 29.97 -11.84
CA ASP B 238 25.21 30.14 -13.26
C ASP B 238 24.34 29.19 -14.09
N LEU B 239 24.22 27.94 -13.64
CA LEU B 239 23.39 26.99 -14.36
C LEU B 239 21.92 27.39 -14.32
N ILE B 240 21.46 27.89 -13.17
CA ILE B 240 20.07 28.34 -13.06
C ILE B 240 19.81 29.50 -14.00
N ASN B 241 20.69 30.51 -13.99
CA ASN B 241 20.54 31.64 -14.90
C ASN B 241 20.39 31.18 -16.34
N LYS B 242 21.17 30.17 -16.74
CA LYS B 242 21.17 29.72 -18.12
C LYS B 242 19.92 28.90 -18.45
N MET B 243 19.29 28.31 -17.44
CA MET B 243 18.01 27.64 -17.66
C MET B 243 16.86 28.63 -17.63
N LEU B 244 16.90 29.59 -16.72
CA LEU B 244 15.87 30.63 -16.63
C LEU B 244 16.21 31.85 -17.48
N THR B 245 16.81 31.61 -18.64
CA THR B 245 17.02 32.66 -19.62
C THR B 245 15.76 32.85 -20.45
N ILE B 246 15.27 34.09 -20.51
CA ILE B 246 13.98 34.35 -21.15
C ILE B 246 14.06 34.01 -22.64
N ASN B 247 15.15 34.36 -23.29
CA ASN B 247 15.29 34.09 -24.73
C ASN B 247 15.40 32.58 -24.96
N PRO B 248 14.45 31.95 -25.64
CA PRO B 248 14.49 30.48 -25.76
C PRO B 248 15.63 29.96 -26.63
N ALA B 249 16.13 30.76 -27.57
CA ALA B 249 17.23 30.30 -28.42
C ALA B 249 18.55 30.25 -27.64
N LYS B 250 18.79 31.23 -26.78
CA LYS B 250 20.00 31.25 -25.98
C LYS B 250 19.89 30.43 -24.71
N ARG B 251 18.68 29.97 -24.37
CA ARG B 251 18.50 29.12 -23.20
C ARG B 251 19.33 27.85 -23.37
N ILE B 252 19.96 27.42 -22.27
CA ILE B 252 20.79 26.24 -22.33
C ILE B 252 19.93 25.02 -22.62
N THR B 253 20.45 24.12 -23.44
CA THR B 253 19.75 22.90 -23.81
C THR B 253 20.06 21.79 -22.81
N ALA B 254 19.34 20.67 -22.94
CA ALA B 254 19.53 19.56 -22.02
C ALA B 254 20.93 18.98 -22.14
N SER B 255 21.42 18.78 -23.36
CA SER B 255 22.75 18.21 -23.54
C SER B 255 23.84 19.18 -23.12
N GLU B 256 23.67 20.47 -23.45
CA GLU B 256 24.62 21.48 -22.99
C GLU B 256 24.66 21.53 -21.46
N ALA B 257 23.50 21.47 -20.81
CA ALA B 257 23.46 21.53 -19.35
C ALA B 257 24.19 20.34 -18.72
N LEU B 258 24.16 19.19 -19.38
CA LEU B 258 24.84 18.01 -18.86
C LEU B 258 26.36 18.15 -18.91
N LYS B 259 26.88 19.06 -19.74
CA LYS B 259 28.30 19.36 -19.78
C LYS B 259 28.68 20.57 -18.92
N HIS B 260 27.76 21.04 -18.07
CA HIS B 260 28.06 22.18 -17.21
C HIS B 260 28.93 21.71 -16.03
N PRO B 261 29.94 22.50 -15.66
CA PRO B 261 30.85 22.04 -14.59
C PRO B 261 30.14 21.57 -13.33
N TRP B 262 29.00 22.18 -13.00
CA TRP B 262 28.26 21.79 -11.80
C TRP B 262 27.63 20.42 -11.93
N ILE B 263 27.47 19.92 -13.15
CA ILE B 263 26.86 18.61 -13.40
C ILE B 263 27.90 17.53 -13.60
N CYS B 264 28.84 17.73 -14.53
CA CYS B 264 29.80 16.67 -14.84
C CYS B 264 31.00 16.70 -13.88
N GLN B 265 31.44 17.88 -13.44
CA GLN B 265 32.51 18.01 -12.46
C GLN B 265 31.95 18.22 -11.05
N ARG B 266 30.88 17.50 -10.75
CA ARG B 266 30.15 17.71 -9.50
C ARG B 266 31.04 17.54 -8.28
N SER B 267 31.86 16.49 -8.27
CA SER B 267 32.62 16.15 -7.06
C SER B 267 33.48 17.32 -6.59
N THR B 268 34.02 18.10 -7.52
CA THR B 268 34.91 19.21 -7.19
C THR B 268 34.24 20.57 -7.31
N VAL B 269 33.03 20.66 -7.87
CA VAL B 269 32.38 21.93 -8.10
C VAL B 269 31.13 22.10 -7.25
N ALA B 270 30.44 21.03 -6.90
CA ALA B 270 29.20 21.12 -6.13
C ALA B 270 29.53 21.11 -4.64
N SER B 271 29.16 22.20 -3.95
CA SER B 271 29.38 22.29 -2.51
C SER B 271 28.65 21.16 -1.80
N MET B 272 29.24 20.68 -0.71
CA MET B 272 28.73 19.50 -0.01
C MET B 272 28.25 19.80 1.40
N MET B 273 28.12 21.07 1.78
CA MET B 273 27.58 21.36 3.11
C MET B 273 26.09 21.01 3.15
N HIS B 274 25.64 20.61 4.33
CA HIS B 274 24.25 20.22 4.51
C HIS B 274 23.34 21.44 4.40
N ARG B 275 22.30 21.34 3.59
CA ARG B 275 21.36 22.43 3.34
C ARG B 275 20.10 22.19 4.19
N GLN B 276 20.24 22.43 5.50
CA GLN B 276 19.15 22.09 6.41
C GLN B 276 17.94 22.98 6.19
N GLU B 277 18.15 24.28 5.94
CA GLU B 277 17.01 25.16 5.67
C GLU B 277 16.31 24.80 4.37
N THR B 278 17.05 24.22 3.42
CA THR B 278 16.41 23.70 2.22
C THR B 278 15.44 22.58 2.56
N VAL B 279 15.86 21.67 3.44
CA VAL B 279 14.99 20.58 3.86
C VAL B 279 13.78 21.11 4.62
N ASP B 280 14.00 22.13 5.46
CA ASP B 280 12.89 22.72 6.20
C ASP B 280 11.90 23.39 5.26
N CYS B 281 12.38 24.26 4.38
CA CYS B 281 11.50 24.92 3.43
C CYS B 281 10.79 23.91 2.54
N LEU B 282 11.54 22.95 1.99
CA LEU B 282 10.95 21.99 1.07
C LEU B 282 9.85 21.18 1.73
N LYS B 283 9.94 20.98 3.05
CA LYS B 283 8.89 20.27 3.77
C LYS B 283 7.60 21.08 3.79
N LYS B 284 7.72 22.41 3.94
CA LYS B 284 6.54 23.26 3.86
C LYS B 284 6.02 23.37 2.44
N PHE B 285 6.93 23.47 1.47
CA PHE B 285 6.54 23.51 0.06
C PHE B 285 5.68 22.30 -0.30
N ASN B 286 6.09 21.11 0.15
CA ASN B 286 5.29 19.91 -0.12
C ASN B 286 3.95 19.96 0.60
N ALA B 287 3.88 20.64 1.75
CA ALA B 287 2.62 20.74 2.46
C ALA B 287 1.59 21.52 1.65
N ARG B 288 2.01 22.64 1.04
CA ARG B 288 1.07 23.45 0.27
C ARG B 288 0.46 22.67 -0.88
N ARG B 289 1.26 21.83 -1.53
CA ARG B 289 0.79 21.08 -2.69
C ARG B 289 -0.22 20.01 -2.30
#